data_6QOC
#
_entry.id   6QOC
#
_cell.length_a   74.205
_cell.length_b   78.712
_cell.length_c   86.601
_cell.angle_alpha   90.000
_cell.angle_beta   90.000
_cell.angle_gamma   90.000
#
_symmetry.space_group_name_H-M   'P 21 21 21'
#
loop_
_entity.id
_entity.type
_entity.pdbx_description
1 polymer 'tRNA (guanine-N(1)-)-methyltransferase'
2 non-polymer 2-(1,3-oxazol-5-yl)aniline
3 water water
#
_entity_poly.entity_id   1
_entity_poly.type   'polypeptide(L)'
_entity_poly.pdbx_seq_one_letter_code
;GSMKIDVVTIFPEYLQPVRQSLPGKAIDAGLVDVAVHDLRRWTHDVHKSVDDSPYGGGPGMVMKPTVWGDALDEICTSET
LLVVPTPAGYPFTQETAWQWSTEDHLVIACGRYEGIDQRVADDAATRMRVREVSIGDYVLNGGEAAALVIIEAVLRLVPG
VLGNALSAQEDSHSEGMASLLEGPSYTRPPSWRGMDVPPVLLSGDHAKIAAWRAEQSRQRTIERRPDLLGFDSPTGEHGG
DGLS
;
_entity_poly.pdbx_strand_id   A,B
#
loop_
_chem_comp.id
_chem_comp.type
_chem_comp.name
_chem_comp.formula
J9Q non-polymer 2-(1,3-oxazol-5-yl)aniline 'C9 H8 N2 O'
#
# COMPACT_ATOMS: atom_id res chain seq x y z
N SER A 2 -5.91 16.04 18.05
CA SER A 2 -7.09 16.06 17.19
C SER A 2 -6.72 16.26 15.72
N MET A 3 -6.94 15.22 14.91
CA MET A 3 -6.63 15.31 13.48
C MET A 3 -7.86 15.13 12.60
N LYS A 4 -7.98 15.97 11.58
CA LYS A 4 -9.03 15.82 10.58
C LYS A 4 -8.39 15.39 9.28
N ILE A 5 -8.94 14.34 8.67
CA ILE A 5 -8.49 13.88 7.37
C ILE A 5 -9.64 13.96 6.38
N ASP A 6 -9.46 14.72 5.31
CA ASP A 6 -10.41 14.73 4.21
C ASP A 6 -9.79 13.98 3.04
N VAL A 7 -10.52 13.04 2.45
CA VAL A 7 -10.08 12.35 1.25
C VAL A 7 -10.98 12.72 0.08
N VAL A 8 -10.37 13.06 -1.06
CA VAL A 8 -11.13 13.37 -2.27
C VAL A 8 -10.82 12.35 -3.35
N THR A 9 -11.86 11.74 -3.92
CA THR A 9 -11.70 10.58 -4.77
C THR A 9 -12.93 10.40 -5.65
N ILE A 10 -12.78 9.80 -6.82
CA ILE A 10 -13.99 9.47 -7.59
C ILE A 10 -14.50 8.09 -7.21
N PHE A 11 -13.83 7.44 -6.25
CA PHE A 11 -14.29 6.18 -5.70
C PHE A 11 -14.53 6.25 -4.17
N PRO A 12 -15.50 7.07 -3.72
CA PRO A 12 -15.62 7.32 -2.27
C PRO A 12 -15.86 6.06 -1.44
N GLU A 13 -16.48 5.05 -2.04
CA GLU A 13 -16.77 3.81 -1.32
C GLU A 13 -15.48 3.02 -0.94
N TYR A 14 -14.37 3.32 -1.58
CA TYR A 14 -13.16 2.62 -1.31
C TYR A 14 -12.74 2.94 0.06
N LEU A 15 -12.92 4.18 0.45
CA LEU A 15 -12.48 4.63 1.74
C LEU A 15 -13.44 4.49 2.89
N GLN A 16 -14.67 4.10 2.66
CA GLN A 16 -15.59 3.99 3.79
C GLN A 16 -15.11 2.97 4.80
N PRO A 17 -14.62 1.83 4.34
CA PRO A 17 -14.09 0.77 5.21
C PRO A 17 -12.65 1.05 5.67
N VAL A 18 -12.53 2.06 6.50
CA VAL A 18 -11.38 2.63 7.14
C VAL A 18 -11.93 3.78 7.99
N ARG A 19 -13.01 4.40 7.53
CA ARG A 19 -13.68 5.43 8.25
C ARG A 19 -14.39 4.67 9.35
N GLN A 20 -15.07 3.60 8.96
CA GLN A 20 -15.79 2.71 9.85
C GLN A 20 -14.84 1.59 10.22
N SER A 21 -13.91 1.97 11.08
CA SER A 21 -12.87 1.13 11.60
C SER A 21 -12.24 1.89 12.74
N LEU A 22 -12.27 3.21 12.69
CA LEU A 22 -11.66 3.95 13.77
C LEU A 22 -12.50 3.91 15.01
N PRO A 23 -11.88 4.06 16.15
CA PRO A 23 -12.44 4.08 17.49
C PRO A 23 -13.06 5.43 17.96
N GLY A 24 -12.48 6.03 19.01
CA GLY A 24 -12.91 7.27 19.64
C GLY A 24 -12.99 8.61 18.88
N LYS A 25 -14.02 8.77 18.11
CA LYS A 25 -14.16 10.01 17.39
C LYS A 25 -15.06 10.93 18.20
N VAL A 32 -9.97 12.44 16.21
CA VAL A 32 -9.82 12.05 14.80
C VAL A 32 -11.14 12.11 14.02
N ASP A 33 -11.07 12.54 12.92
CA ASP A 33 -12.23 12.51 12.04
C ASP A 33 -11.74 12.27 10.62
N VAL A 34 -12.41 11.36 9.92
CA VAL A 34 -12.03 11.03 8.54
C VAL A 34 -13.26 11.19 7.67
N ALA A 35 -13.16 12.09 6.70
CA ALA A 35 -14.29 12.38 5.83
C ALA A 35 -13.91 12.08 4.38
N VAL A 36 -14.83 11.48 3.64
CA VAL A 36 -14.57 11.14 2.26
C VAL A 36 -15.49 11.93 1.34
N HIS A 37 -14.91 12.53 0.31
CA HIS A 37 -15.67 13.34 -0.62
C HIS A 37 -15.56 12.82 -2.05
N ASP A 38 -16.71 12.68 -2.71
CA ASP A 38 -16.77 12.34 -4.14
C ASP A 38 -16.32 13.55 -4.97
N LEU A 39 -15.26 13.39 -5.75
CA LEU A 39 -14.75 14.46 -6.60
C LEU A 39 -15.82 15.01 -7.55
N ARG A 40 -16.80 14.19 -7.91
CA ARG A 40 -17.79 14.58 -8.93
C ARG A 40 -18.71 15.67 -8.40
N ARG A 41 -18.62 15.92 -7.11
CA ARG A 41 -19.34 17.03 -6.46
C ARG A 41 -18.91 18.35 -7.09
N TRP A 42 -17.66 18.42 -7.50
CA TRP A 42 -17.12 19.67 -8.02
C TRP A 42 -17.01 19.66 -9.52
N THR A 43 -17.70 18.75 -10.20
CA THR A 43 -17.72 18.86 -11.65
C THR A 43 -18.64 19.98 -12.14
N HIS A 44 -18.47 20.28 -13.41
CA HIS A 44 -18.94 21.45 -14.10
C HIS A 44 -20.08 21.19 -15.05
N ASP A 45 -20.18 19.95 -15.48
CA ASP A 45 -21.05 19.60 -16.58
C ASP A 45 -21.95 18.45 -16.22
N VAL A 46 -23.03 18.28 -16.99
CA VAL A 46 -24.00 17.23 -16.70
C VAL A 46 -23.37 15.84 -16.90
N HIS A 47 -22.25 15.77 -17.64
CA HIS A 47 -21.57 14.49 -17.83
C HIS A 47 -20.60 14.16 -16.68
N LYS A 48 -20.49 15.07 -15.73
CA LYS A 48 -19.62 14.93 -14.56
C LYS A 48 -18.19 14.50 -14.93
N SER A 49 -17.59 15.22 -15.87
CA SER A 49 -16.26 14.94 -16.39
C SER A 49 -15.16 15.27 -15.39
N VAL A 50 -14.26 14.33 -15.13
CA VAL A 50 -13.13 14.60 -14.23
C VAL A 50 -11.77 14.55 -14.95
N ASP A 51 -11.73 14.03 -16.19
CA ASP A 51 -10.46 13.99 -16.89
C ASP A 51 -10.60 14.37 -18.36
N ASP A 52 -9.46 14.50 -19.03
CA ASP A 52 -9.41 15.05 -20.37
C ASP A 52 -8.07 14.62 -20.99
N SER A 53 -7.95 14.75 -22.32
CA SER A 53 -6.76 14.27 -23.02
C SER A 53 -5.53 15.09 -22.65
N PRO A 54 -4.36 14.43 -22.57
CA PRO A 54 -3.11 15.10 -22.19
C PRO A 54 -2.59 16.01 -23.29
N TYR A 55 -2.22 17.24 -22.94
CA TYR A 55 -1.48 18.08 -23.85
C TYR A 55 -0.17 17.40 -24.22
N GLY A 56 0.22 17.50 -25.49
CA GLY A 56 1.45 16.88 -25.94
C GLY A 56 1.24 15.43 -26.35
N GLY A 57 0.00 14.98 -26.26
CA GLY A 57 -0.35 13.63 -26.66
C GLY A 57 0.06 12.59 -25.63
N GLY A 58 -0.24 11.33 -25.96
CA GLY A 58 0.07 10.25 -25.06
C GLY A 58 -1.18 9.48 -24.72
N PRO A 59 -1.01 8.40 -23.96
CA PRO A 59 -2.10 7.49 -23.59
C PRO A 59 -2.82 7.93 -22.31
N GLY A 60 -4.04 7.46 -22.14
CA GLY A 60 -4.78 7.73 -20.92
C GLY A 60 -5.30 9.15 -20.87
N MET A 61 -5.68 9.57 -19.67
CA MET A 61 -6.33 10.86 -19.47
C MET A 61 -5.70 11.58 -18.29
N VAL A 62 -5.76 12.90 -18.27
CA VAL A 62 -5.23 13.69 -17.16
C VAL A 62 -6.40 14.29 -16.42
N MET A 63 -6.36 14.33 -15.09
CA MET A 63 -7.48 14.88 -14.35
C MET A 63 -7.51 16.40 -14.46
N LYS A 64 -8.71 16.93 -14.65
CA LYS A 64 -8.96 18.35 -14.92
C LYS A 64 -8.59 19.29 -13.79
N PRO A 65 -7.84 20.36 -14.11
CA PRO A 65 -7.46 21.34 -13.08
C PRO A 65 -8.65 22.14 -12.55
N THR A 66 -9.62 22.45 -13.39
CA THR A 66 -10.73 23.28 -12.92
C THR A 66 -11.56 22.55 -11.87
N VAL A 67 -11.72 21.25 -12.02
CA VAL A 67 -12.49 20.44 -11.06
C VAL A 67 -11.73 20.31 -9.74
N TRP A 68 -10.48 19.87 -9.84
CA TRP A 68 -9.67 19.71 -8.64
C TRP A 68 -9.44 21.03 -7.92
N GLY A 69 -9.25 22.11 -8.68
CA GLY A 69 -9.06 23.43 -8.09
C GLY A 69 -10.24 23.83 -7.23
N ASP A 70 -11.45 23.61 -7.74
CA ASP A 70 -12.67 23.95 -6.99
C ASP A 70 -12.79 23.09 -5.72
N ALA A 71 -12.47 21.81 -5.84
CA ALA A 71 -12.57 20.89 -4.71
C ALA A 71 -11.59 21.29 -3.60
N LEU A 72 -10.34 21.53 -3.96
CA LEU A 72 -9.36 21.90 -2.94
C LEU A 72 -9.65 23.29 -2.36
N ASP A 73 -10.16 24.20 -3.19
CA ASP A 73 -10.54 25.53 -2.72
C ASP A 73 -11.54 25.44 -1.57
N GLU A 74 -12.48 24.51 -1.70
CA GLU A 74 -13.53 24.35 -0.68
C GLU A 74 -13.03 23.64 0.59
N ILE A 75 -12.20 22.63 0.41
CA ILE A 75 -11.79 21.74 1.49
C ILE A 75 -10.53 22.21 2.23
N CYS A 76 -9.56 22.76 1.48
CA CYS A 76 -8.29 23.15 2.09
C CYS A 76 -8.30 24.52 2.75
N THR A 77 -7.46 24.69 3.76
CA THR A 77 -7.17 26.03 4.30
C THR A 77 -5.66 26.23 4.30
N SER A 78 -5.22 27.38 4.79
CA SER A 78 -3.79 27.66 4.85
C SER A 78 -3.06 26.68 5.79
N GLU A 79 -3.80 26.07 6.71
CA GLU A 79 -3.19 25.15 7.67
C GLU A 79 -3.05 23.72 7.12
N THR A 80 -3.67 23.47 5.99
CA THR A 80 -3.74 22.13 5.43
C THR A 80 -2.42 21.56 4.94
N LEU A 81 -2.20 20.28 5.22
CA LEU A 81 -1.14 19.55 4.55
C LEU A 81 -1.78 18.74 3.42
N LEU A 82 -1.50 19.12 2.19
CA LEU A 82 -2.12 18.46 1.04
C LEU A 82 -1.24 17.32 0.58
N VAL A 83 -1.77 16.09 0.70
CA VAL A 83 -1.03 14.90 0.34
C VAL A 83 -1.53 14.37 -1.00
N VAL A 84 -0.62 14.15 -1.93
CA VAL A 84 -0.99 13.65 -3.26
C VAL A 84 -0.23 12.36 -3.58
N PRO A 85 -0.88 11.20 -3.43
CA PRO A 85 -0.19 9.96 -3.79
C PRO A 85 0.06 9.90 -5.30
N THR A 86 1.30 9.62 -5.66
CA THR A 86 1.70 9.57 -7.07
C THR A 86 2.93 8.67 -7.22
N PRO A 87 3.00 7.95 -8.34
CA PRO A 87 4.16 7.11 -8.64
C PRO A 87 5.44 7.93 -8.74
N ALA A 88 5.29 9.21 -9.03
CA ALA A 88 6.41 10.12 -9.20
C ALA A 88 6.73 10.90 -7.92
N GLY A 89 6.19 10.43 -6.79
CA GLY A 89 6.34 11.15 -5.53
C GLY A 89 7.66 10.89 -4.82
N TYR A 90 7.94 11.71 -3.81
CA TYR A 90 8.99 11.39 -2.83
C TYR A 90 8.53 10.14 -2.06
N PRO A 91 9.47 9.32 -1.56
CA PRO A 91 9.03 8.10 -0.85
C PRO A 91 8.36 8.43 0.48
N PHE A 92 7.19 7.81 0.70
CA PHE A 92 6.52 7.87 1.99
C PHE A 92 7.18 6.84 2.90
N THR A 93 7.68 7.29 4.04
CA THR A 93 8.35 6.40 4.98
C THR A 93 7.74 6.52 6.37
N GLN A 94 8.21 5.70 7.29
CA GLN A 94 7.74 5.77 8.67
C GLN A 94 8.09 7.12 9.28
N GLU A 95 9.21 7.70 8.83
CA GLU A 95 9.58 9.04 9.28
C GLU A 95 8.51 10.03 8.84
N THR A 96 8.03 9.87 7.62
CA THR A 96 6.99 10.74 7.08
C THR A 96 5.71 10.61 7.91
N ALA A 97 5.36 9.36 8.20
CA ALA A 97 4.18 9.05 9.00
C ALA A 97 4.22 9.75 10.36
N TRP A 98 5.38 9.68 11.03
CA TRP A 98 5.60 10.37 12.29
C TRP A 98 5.41 11.89 12.18
N GLN A 99 5.99 12.49 11.16
CA GLN A 99 5.83 13.92 10.92
C GLN A 99 4.37 14.30 10.73
N TRP A 100 3.66 13.54 9.91
CA TRP A 100 2.29 13.89 9.57
C TRP A 100 1.31 13.61 10.70
N SER A 101 1.72 12.79 11.66
CA SER A 101 0.82 12.40 12.76
C SER A 101 0.51 13.57 13.69
N THR A 102 1.35 14.60 13.66
CA THR A 102 1.14 15.78 14.50
C THR A 102 0.34 16.89 13.81
N GLU A 103 -0.06 16.65 12.56
CA GLU A 103 -0.79 17.65 11.77
C GLU A 103 -2.25 17.75 12.15
N ASP A 104 -2.81 18.97 12.08
CA ASP A 104 -4.20 19.19 12.42
C ASP A 104 -5.15 18.85 11.28
N HIS A 105 -4.67 18.95 10.04
CA HIS A 105 -5.54 18.74 8.89
C HIS A 105 -4.77 18.20 7.70
N LEU A 106 -5.08 16.97 7.32
CA LEU A 106 -4.58 16.34 6.11
C LEU A 106 -5.68 16.28 5.07
N VAL A 107 -5.36 16.67 3.84
CA VAL A 107 -6.26 16.44 2.73
C VAL A 107 -5.53 15.54 1.74
N ILE A 108 -6.13 14.40 1.43
CA ILE A 108 -5.50 13.47 0.51
C ILE A 108 -6.23 13.47 -0.83
N ALA A 109 -5.52 13.86 -1.88
CA ALA A 109 -6.09 13.95 -3.21
C ALA A 109 -5.78 12.70 -4.04
N CYS A 110 -6.79 11.86 -4.25
CA CYS A 110 -6.61 10.61 -4.97
C CYS A 110 -6.85 10.78 -6.45
N GLY A 111 -5.81 10.59 -7.26
CA GLY A 111 -5.96 10.70 -8.69
C GLY A 111 -5.64 9.40 -9.40
N ARG A 112 -5.96 9.35 -10.69
CA ARG A 112 -5.56 8.22 -11.52
C ARG A 112 -4.05 8.21 -11.78
N TYR A 113 -3.54 7.06 -12.23
CA TYR A 113 -2.11 6.85 -12.47
C TYR A 113 -1.53 7.92 -13.40
N GLU A 114 -2.31 8.25 -14.42
CA GLU A 114 -1.92 9.20 -15.46
C GLU A 114 -1.63 10.60 -14.91
N GLY A 115 -2.33 10.96 -13.84
CA GLY A 115 -2.01 12.14 -13.08
C GLY A 115 -3.08 13.21 -13.01
N ILE A 116 -2.90 14.12 -12.05
CA ILE A 116 -3.69 15.36 -11.97
C ILE A 116 -2.90 16.44 -12.68
N ASP A 117 -3.57 17.29 -13.46
CA ASP A 117 -2.90 18.44 -14.07
C ASP A 117 -1.93 19.09 -13.06
N GLN A 118 -0.67 19.26 -13.44
CA GLN A 118 0.37 19.67 -12.48
C GLN A 118 0.10 21.05 -11.88
N ARG A 119 -0.70 21.86 -12.58
CA ARG A 119 -0.98 23.19 -12.08
C ARG A 119 -1.79 23.16 -10.78
N VAL A 120 -2.55 22.10 -10.56
CA VAL A 120 -3.30 21.97 -9.31
C VAL A 120 -2.36 21.98 -8.10
N ALA A 121 -1.36 21.09 -8.10
CA ALA A 121 -0.40 21.04 -6.98
C ALA A 121 0.43 22.31 -6.94
N ASP A 122 0.83 22.81 -8.11
CA ASP A 122 1.69 23.99 -8.13
C ASP A 122 0.96 25.21 -7.55
N ASP A 123 -0.31 25.35 -7.89
CA ASP A 123 -1.12 26.45 -7.39
C ASP A 123 -1.34 26.29 -5.89
N ALA A 124 -1.72 25.09 -5.46
CA ALA A 124 -1.95 24.83 -4.04
C ALA A 124 -0.69 25.17 -3.20
N ALA A 125 0.47 24.85 -3.75
CA ALA A 125 1.72 25.02 -3.03
C ALA A 125 2.05 26.50 -2.77
N THR A 126 1.37 27.41 -3.47
CA THR A 126 1.60 28.83 -3.20
C THR A 126 0.83 29.31 -1.95
N ARG A 127 -0.03 28.45 -1.41
CA ARG A 127 -0.89 28.82 -0.26
C ARG A 127 -0.82 27.87 0.91
N MET A 128 -0.32 26.67 0.68
CA MET A 128 -0.34 25.61 1.68
C MET A 128 0.80 24.63 1.42
N ARG A 129 1.06 23.73 2.36
CA ARG A 129 2.12 22.74 2.17
C ARG A 129 1.58 21.58 1.33
N VAL A 130 2.31 21.20 0.31
CA VAL A 130 1.90 20.11 -0.58
C VAL A 130 2.98 19.02 -0.58
N ARG A 131 2.56 17.76 -0.51
CA ARG A 131 3.52 16.65 -0.51
C ARG A 131 3.10 15.57 -1.50
N GLU A 132 3.83 15.43 -2.59
CA GLU A 132 3.57 14.36 -3.55
C GLU A 132 4.39 13.16 -3.08
N VAL A 133 3.74 12.01 -2.89
CA VAL A 133 4.45 10.88 -2.28
C VAL A 133 4.08 9.56 -2.92
N SER A 134 5.08 8.66 -2.99
CA SER A 134 4.86 7.29 -3.45
CA SER A 134 4.85 7.29 -3.45
C SER A 134 4.99 6.33 -2.25
N ILE A 135 4.14 5.30 -2.21
CA ILE A 135 4.26 4.33 -1.11
C ILE A 135 5.11 3.12 -1.48
N GLY A 136 5.64 3.09 -2.71
CA GLY A 136 6.46 1.98 -3.15
C GLY A 136 6.68 1.97 -4.65
N ASP A 137 7.56 1.07 -5.12
CA ASP A 137 7.89 1.02 -6.54
C ASP A 137 7.11 -0.08 -7.24
N TYR A 138 5.82 0.13 -7.30
CA TYR A 138 4.89 -0.68 -8.04
C TYR A 138 3.88 0.34 -8.51
N VAL A 139 3.15 0.00 -9.56
CA VAL A 139 2.18 0.90 -10.15
C VAL A 139 0.77 0.49 -9.73
N LEU A 140 0.01 1.45 -9.21
CA LEU A 140 -1.40 1.25 -8.93
C LEU A 140 -2.20 1.99 -9.98
N ASN A 141 -3.46 1.64 -10.16
CA ASN A 141 -4.27 2.36 -11.14
C ASN A 141 -4.69 3.75 -10.67
N GLY A 142 -4.72 3.95 -9.36
CA GLY A 142 -5.08 5.25 -8.79
C GLY A 142 -4.59 5.37 -7.37
N GLY A 143 -4.72 6.55 -6.77
CA GLY A 143 -4.17 6.79 -5.44
C GLY A 143 -4.94 6.24 -4.25
N GLU A 144 -6.13 5.67 -4.49
CA GLU A 144 -7.01 5.24 -3.40
C GLU A 144 -6.34 4.23 -2.44
N ALA A 145 -5.73 3.17 -3.00
CA ALA A 145 -5.06 2.19 -2.13
C ALA A 145 -3.89 2.80 -1.36
N ALA A 146 -3.18 3.73 -2.00
CA ALA A 146 -2.08 4.43 -1.32
C ALA A 146 -2.61 5.32 -0.20
N ALA A 147 -3.77 5.94 -0.41
CA ALA A 147 -4.41 6.73 0.64
C ALA A 147 -4.74 5.87 1.85
N LEU A 148 -5.25 4.67 1.61
CA LEU A 148 -5.53 3.73 2.71
C LEU A 148 -4.29 3.40 3.54
N VAL A 149 -3.17 3.21 2.85
CA VAL A 149 -1.92 2.88 3.52
C VAL A 149 -1.45 4.06 4.37
N ILE A 150 -1.51 5.24 3.78
CA ILE A 150 -1.09 6.47 4.47
C ILE A 150 -1.98 6.74 5.67
N ILE A 151 -3.29 6.57 5.50
CA ILE A 151 -4.21 6.85 6.60
C ILE A 151 -3.90 5.92 7.76
N GLU A 152 -3.72 4.64 7.43
CA GLU A 152 -3.41 3.67 8.47
C GLU A 152 -2.06 3.94 9.17
N ALA A 153 -1.01 4.22 8.40
CA ALA A 153 0.32 4.40 8.97
C ALA A 153 0.38 5.66 9.83
N VAL A 154 -0.33 6.70 9.41
CA VAL A 154 -0.32 7.96 10.15
C VAL A 154 -1.17 7.87 11.41
N LEU A 155 -2.41 7.41 11.28
CA LEU A 155 -3.36 7.45 12.40
C LEU A 155 -2.96 6.54 13.57
N ARG A 156 -2.25 5.45 13.31
CA ARG A 156 -1.86 4.58 14.42
C ARG A 156 -0.77 5.24 15.28
N LEU A 157 -0.15 6.30 14.76
CA LEU A 157 0.82 7.10 15.54
C LEU A 157 0.16 8.26 16.28
N VAL A 158 -1.13 8.45 16.06
CA VAL A 158 -1.84 9.53 16.73
C VAL A 158 -2.19 9.07 18.14
N PRO A 159 -1.77 9.85 19.15
CA PRO A 159 -2.11 9.64 20.57
C PRO A 159 -3.57 9.24 20.72
N GLY A 160 -3.81 7.96 20.97
CA GLY A 160 -5.16 7.44 21.07
C GLY A 160 -5.18 5.93 21.21
N SER A 179 16.50 0.10 9.92
CA SER A 179 17.39 -0.44 10.93
C SER A 179 17.71 -1.90 10.65
N LEU A 180 17.05 -2.79 11.39
CA LEU A 180 17.13 -4.22 11.15
C LEU A 180 15.72 -4.79 11.15
N LEU A 181 15.55 -5.92 10.47
CA LEU A 181 14.23 -6.54 10.39
C LEU A 181 13.89 -7.29 11.67
N GLU A 182 12.59 -7.36 11.97
CA GLU A 182 12.09 -8.19 13.06
C GLU A 182 12.31 -9.65 12.72
N GLY A 183 12.71 -10.46 13.69
CA GLY A 183 12.93 -11.87 13.46
C GLY A 183 11.65 -12.67 13.64
N PRO A 184 11.76 -14.01 13.59
CA PRO A 184 10.58 -14.88 13.71
C PRO A 184 9.97 -14.84 15.11
N SER A 185 8.66 -14.99 15.17
CA SER A 185 7.94 -15.03 16.45
CA SER A 185 7.98 -15.05 16.47
C SER A 185 7.24 -16.38 16.59
N TYR A 186 6.98 -16.79 17.84
CA TYR A 186 6.37 -18.08 18.11
C TYR A 186 5.42 -17.97 19.27
N THR A 187 4.40 -18.80 19.26
CA THR A 187 3.51 -18.93 20.43
C THR A 187 3.11 -20.38 20.57
N ARG A 188 2.17 -20.66 21.47
CA ARG A 188 1.74 -22.03 21.74
C ARG A 188 1.09 -22.67 20.52
N PRO A 189 1.25 -23.99 20.35
CA PRO A 189 1.92 -24.97 21.22
C PRO A 189 3.43 -25.08 20.96
N PRO A 190 4.21 -25.62 21.92
CA PRO A 190 5.67 -25.69 21.80
C PRO A 190 6.11 -26.57 20.63
N SER A 191 5.27 -27.53 20.27
CA SER A 191 5.54 -28.38 19.12
CA SER A 191 5.53 -28.39 19.13
C SER A 191 4.31 -28.45 18.23
N TRP A 192 4.50 -28.19 16.94
CA TRP A 192 3.39 -28.13 15.99
C TRP A 192 3.81 -28.64 14.63
N ARG A 193 3.15 -29.69 14.15
CA ARG A 193 3.45 -30.30 12.86
C ARG A 193 4.94 -30.60 12.70
N GLY A 194 5.54 -31.16 13.74
CA GLY A 194 6.93 -31.57 13.68
C GLY A 194 7.96 -30.48 13.85
N MET A 195 7.51 -29.25 14.13
CA MET A 195 8.40 -28.12 14.33
C MET A 195 8.31 -27.60 15.76
N ASP A 196 9.45 -27.53 16.44
CA ASP A 196 9.55 -27.04 17.80
C ASP A 196 9.89 -25.57 17.86
N VAL A 197 9.32 -24.88 18.84
CA VAL A 197 9.77 -23.53 19.14
C VAL A 197 11.24 -23.60 19.58
N PRO A 198 12.09 -22.71 19.05
CA PRO A 198 13.51 -22.70 19.45
C PRO A 198 13.67 -22.71 20.97
N PRO A 199 14.37 -23.73 21.51
CA PRO A 199 14.46 -23.95 22.94
C PRO A 199 14.98 -22.75 23.70
N VAL A 200 15.84 -21.94 23.08
CA VAL A 200 16.38 -20.77 23.75
C VAL A 200 15.26 -19.85 24.26
N LEU A 201 14.15 -19.79 23.52
CA LEU A 201 13.04 -18.90 23.92
C LEU A 201 12.34 -19.37 25.20
N LEU A 202 12.54 -20.64 25.54
CA LEU A 202 11.97 -21.24 26.75
C LEU A 202 13.01 -21.33 27.87
N SER A 203 14.17 -20.73 27.67
CA SER A 203 15.31 -20.96 28.58
C SER A 203 15.24 -20.16 29.88
N GLY A 204 14.49 -19.08 29.89
CA GLY A 204 14.53 -18.17 31.01
C GLY A 204 15.87 -17.45 31.13
N ASP A 205 16.66 -17.46 30.06
CA ASP A 205 17.92 -16.68 30.03
C ASP A 205 17.70 -15.49 29.13
N HIS A 206 17.29 -14.37 29.70
CA HIS A 206 16.78 -13.30 28.86
C HIS A 206 17.86 -12.51 28.16
N ALA A 207 19.07 -12.52 28.69
CA ALA A 207 20.18 -11.89 27.95
C ALA A 207 20.49 -12.72 26.70
N LYS A 208 20.49 -14.04 26.86
CA LYS A 208 20.78 -14.92 25.73
C LYS A 208 19.68 -14.87 24.65
N ILE A 209 18.43 -14.78 25.09
CA ILE A 209 17.29 -14.64 24.19
C ILE A 209 17.42 -13.39 23.35
N ALA A 210 17.79 -12.27 23.98
CA ALA A 210 18.01 -11.03 23.26
C ALA A 210 19.10 -11.18 22.20
N ALA A 211 20.20 -11.85 22.56
CA ALA A 211 21.31 -12.04 21.65
C ALA A 211 20.90 -12.93 20.47
N TRP A 212 20.16 -13.99 20.76
CA TRP A 212 19.64 -14.88 19.73
C TRP A 212 18.72 -14.14 18.74
N ARG A 213 17.81 -13.31 19.28
CA ARG A 213 16.93 -12.53 18.44
C ARG A 213 17.72 -11.55 17.58
N ALA A 214 18.78 -10.98 18.13
CA ALA A 214 19.60 -10.03 17.38
C ALA A 214 20.28 -10.72 16.20
N GLU A 215 20.77 -11.93 16.42
CA GLU A 215 21.40 -12.72 15.36
C GLU A 215 20.37 -13.15 14.33
N GLN A 216 19.16 -13.50 14.76
CA GLN A 216 18.09 -13.81 13.80
C GLN A 216 17.77 -12.60 12.93
N SER A 217 17.71 -11.43 13.55
CA SER A 217 17.46 -10.17 12.86
CA SER A 217 17.44 -10.19 12.83
C SER A 217 18.56 -9.88 11.84
N ARG A 218 19.80 -10.12 12.24
CA ARG A 218 20.93 -9.90 11.33
C ARG A 218 20.84 -10.82 10.11
N GLN A 219 20.66 -12.12 10.34
CA GLN A 219 20.57 -13.07 9.24
C GLN A 219 19.42 -12.72 8.30
N ARG A 220 18.28 -12.35 8.88
CA ARG A 220 17.10 -12.10 8.04
C ARG A 220 17.28 -10.82 7.23
N THR A 221 17.93 -9.82 7.82
CA THR A 221 18.13 -8.57 7.11
C THR A 221 19.10 -8.77 5.94
N ILE A 222 20.17 -9.51 6.19
CA ILE A 222 21.12 -9.88 5.13
C ILE A 222 20.43 -10.59 3.96
N GLU A 223 19.56 -11.55 4.30
CA GLU A 223 18.88 -12.36 3.29
C GLU A 223 17.82 -11.58 2.51
N ARG A 224 17.01 -10.81 3.21
CA ARG A 224 15.83 -10.21 2.57
C ARG A 224 15.98 -8.74 2.21
N ARG A 225 16.73 -8.00 3.00
CA ARG A 225 16.84 -6.56 2.81
C ARG A 225 18.29 -6.09 2.95
N PRO A 226 19.19 -6.59 2.08
CA PRO A 226 20.60 -6.19 2.22
C PRO A 226 20.79 -4.68 2.02
N ASP A 227 19.82 -4.02 1.40
CA ASP A 227 19.86 -2.56 1.24
C ASP A 227 19.92 -1.83 2.59
N LEU A 228 19.33 -2.42 3.62
CA LEU A 228 19.29 -1.77 4.94
C LEU A 228 20.64 -1.78 5.66
N LEU A 229 21.59 -2.53 5.11
CA LEU A 229 22.89 -2.72 5.78
C LEU A 229 24.01 -1.92 5.12
N GLY A 230 23.78 -1.45 3.90
CA GLY A 230 24.77 -0.67 3.18
C GLY A 230 25.71 -1.51 2.34
N SER B 2 -7.43 -16.47 -16.41
CA SER B 2 -8.28 -16.65 -15.24
C SER B 2 -7.43 -16.88 -13.98
N MET B 3 -7.69 -16.07 -12.95
CA MET B 3 -6.93 -16.12 -11.70
C MET B 3 -7.91 -16.18 -10.52
N LYS B 4 -7.54 -16.93 -9.49
CA LYS B 4 -8.28 -16.94 -8.24
C LYS B 4 -7.43 -16.30 -7.16
N ILE B 5 -8.01 -15.35 -6.42
CA ILE B 5 -7.35 -14.78 -5.26
C ILE B 5 -8.19 -15.05 -4.01
N ASP B 6 -7.62 -15.75 -3.03
CA ASP B 6 -8.23 -15.89 -1.70
C ASP B 6 -7.51 -15.01 -0.69
N VAL B 7 -8.26 -14.25 0.10
CA VAL B 7 -7.68 -13.45 1.18
C VAL B 7 -8.20 -13.96 2.51
N VAL B 8 -7.30 -14.22 3.45
CA VAL B 8 -7.70 -14.67 4.77
C VAL B 8 -7.34 -13.60 5.80
N THR B 9 -8.32 -13.21 6.61
CA THR B 9 -8.20 -12.06 7.50
C THR B 9 -9.18 -12.19 8.67
N ILE B 10 -8.90 -11.51 9.79
CA ILE B 10 -9.89 -11.41 10.86
C ILE B 10 -10.78 -10.18 10.67
N PHE B 11 -10.53 -9.42 9.61
CA PHE B 11 -11.38 -8.27 9.26
C PHE B 11 -11.86 -8.37 7.82
N PRO B 12 -12.75 -9.34 7.53
CA PRO B 12 -13.19 -9.53 6.13
C PRO B 12 -13.90 -8.31 5.54
N GLU B 13 -14.61 -7.55 6.36
CA GLU B 13 -15.32 -6.36 5.88
C GLU B 13 -14.35 -5.27 5.38
N TYR B 14 -13.13 -5.27 5.90
CA TYR B 14 -12.15 -4.28 5.50
C TYR B 14 -11.62 -4.53 4.08
N LEU B 15 -11.80 -5.74 3.55
CA LEU B 15 -11.33 -6.07 2.21
C LEU B 15 -12.38 -5.75 1.14
N GLN B 16 -13.51 -5.18 1.56
CA GLN B 16 -14.56 -4.80 0.61
C GLN B 16 -14.25 -3.63 -0.36
N PRO B 17 -13.25 -2.77 -0.04
CA PRO B 17 -12.77 -1.82 -1.07
C PRO B 17 -12.29 -2.49 -2.36
N VAL B 18 -12.01 -3.77 -2.32
CA VAL B 18 -11.58 -4.45 -3.50
C VAL B 18 -12.71 -4.53 -4.50
N ARG B 19 -13.92 -4.16 -4.08
CA ARG B 19 -15.10 -4.23 -4.89
C ARG B 19 -15.29 -3.11 -5.89
N GLN B 20 -14.45 -2.09 -5.85
CA GLN B 20 -14.53 -1.04 -6.85
C GLN B 20 -13.22 -0.87 -7.53
N SER B 21 -13.18 0.15 -8.36
CA SER B 21 -12.02 0.50 -9.15
C SER B 21 -11.58 -0.65 -10.04
N LEU B 22 -10.28 -0.77 -10.17
CA LEU B 22 -9.73 -1.78 -11.05
C LEU B 22 -10.11 -3.19 -10.67
N PRO B 23 -9.93 -3.55 -9.41
CA PRO B 23 -10.28 -4.90 -9.02
C PRO B 23 -11.73 -5.26 -9.23
N GLY B 24 -12.64 -4.35 -8.97
CA GLY B 24 -14.04 -4.61 -9.14
C GLY B 24 -14.40 -4.86 -10.58
N LYS B 25 -13.81 -4.08 -11.44
CA LYS B 25 -14.04 -4.21 -12.85
C LYS B 25 -13.54 -5.54 -13.35
N ALA B 26 -12.37 -5.93 -12.88
CA ALA B 26 -11.77 -7.20 -13.26
C ALA B 26 -12.63 -8.38 -12.83
N ILE B 27 -13.23 -8.27 -11.64
CA ILE B 27 -14.10 -9.31 -11.12
C ILE B 27 -15.38 -9.40 -11.94
N ASP B 28 -15.93 -8.23 -12.26
CA ASP B 28 -17.16 -8.13 -13.04
C ASP B 28 -16.95 -8.71 -14.45
N ALA B 29 -15.76 -8.51 -15.00
CA ALA B 29 -15.41 -8.99 -16.32
C ALA B 29 -14.99 -10.47 -16.29
N GLY B 30 -14.99 -11.07 -15.10
CA GLY B 30 -14.72 -12.49 -14.96
C GLY B 30 -13.27 -12.90 -15.19
N LEU B 31 -12.36 -11.94 -15.13
CA LEU B 31 -10.95 -12.24 -15.34
C LEU B 31 -10.30 -12.75 -14.05
N VAL B 32 -10.91 -12.42 -12.93
CA VAL B 32 -10.43 -12.85 -11.62
C VAL B 32 -11.61 -13.11 -10.69
N ASP B 33 -11.45 -14.03 -9.75
CA ASP B 33 -12.41 -14.18 -8.68
C ASP B 33 -11.72 -13.96 -7.35
N VAL B 34 -12.22 -13.02 -6.56
CA VAL B 34 -11.62 -12.69 -5.27
C VAL B 34 -12.54 -13.12 -4.14
N ALA B 35 -12.05 -14.02 -3.29
CA ALA B 35 -12.86 -14.50 -2.17
C ALA B 35 -12.19 -14.15 -0.87
N VAL B 36 -12.98 -13.61 0.06
CA VAL B 36 -12.46 -13.18 1.35
C VAL B 36 -12.97 -14.10 2.46
N HIS B 37 -12.06 -14.58 3.29
CA HIS B 37 -12.39 -15.56 4.33
C HIS B 37 -12.07 -15.04 5.71
N ASP B 38 -13.01 -15.21 6.62
CA ASP B 38 -12.81 -14.87 8.01
C ASP B 38 -11.99 -15.97 8.68
N LEU B 39 -10.78 -15.64 9.12
CA LEU B 39 -9.92 -16.61 9.79
C LEU B 39 -10.62 -17.31 10.97
N ARG B 40 -11.47 -16.58 11.69
CA ARG B 40 -12.15 -17.14 12.87
C ARG B 40 -13.09 -18.32 12.52
N ARG B 41 -13.39 -18.48 11.24
CA ARG B 41 -14.15 -19.64 10.77
C ARG B 41 -13.45 -20.96 11.12
N TRP B 42 -12.12 -20.93 11.28
CA TRP B 42 -11.36 -22.16 11.56
C TRP B 42 -10.98 -22.32 13.03
N THR B 43 -11.62 -21.56 13.91
CA THR B 43 -11.38 -21.69 15.35
C THR B 43 -12.36 -22.70 15.95
N HIS B 44 -12.08 -23.18 17.15
CA HIS B 44 -12.92 -24.20 17.77
C HIS B 44 -13.33 -23.89 19.21
N ASP B 45 -12.65 -22.93 19.83
CA ASP B 45 -13.06 -22.47 21.16
C ASP B 45 -14.20 -21.48 21.02
N VAL B 46 -14.89 -21.20 22.12
CA VAL B 46 -16.07 -20.32 22.09
C VAL B 46 -15.68 -18.84 21.94
N HIS B 47 -14.50 -18.49 22.44
CA HIS B 47 -14.00 -17.13 22.33
C HIS B 47 -13.31 -16.88 20.98
N LYS B 48 -13.22 -17.93 20.17
CA LYS B 48 -12.61 -17.87 18.83
C LYS B 48 -11.21 -17.22 18.84
N SER B 49 -10.36 -17.68 19.74
CA SER B 49 -9.05 -17.06 19.94
C SER B 49 -8.09 -17.39 18.79
N VAL B 50 -7.50 -16.34 18.20
CA VAL B 50 -6.57 -16.52 17.11
C VAL B 50 -5.14 -16.15 17.50
N ASP B 51 -4.98 -15.59 18.70
CA ASP B 51 -3.69 -15.08 19.14
C ASP B 51 -3.32 -15.54 20.56
N ASP B 52 -2.03 -15.46 20.87
CA ASP B 52 -1.53 -15.85 22.17
C ASP B 52 -0.22 -15.10 22.42
N SER B 53 0.24 -15.07 23.66
CA SER B 53 1.44 -14.30 24.00
C SER B 53 2.69 -14.99 23.43
N PRO B 54 3.73 -14.19 23.11
CA PRO B 54 4.94 -14.74 22.46
C PRO B 54 5.84 -15.54 23.40
N TYR B 55 6.37 -16.64 22.89
CA TYR B 55 7.45 -17.33 23.58
C TYR B 55 8.70 -16.45 23.58
N GLY B 56 9.41 -16.41 24.70
CA GLY B 56 10.63 -15.63 24.81
C GLY B 56 10.38 -14.20 25.25
N GLY B 57 9.12 -13.81 25.31
CA GLY B 57 8.75 -12.51 25.78
C GLY B 57 8.66 -11.49 24.66
N GLY B 58 8.22 -10.29 25.01
CA GLY B 58 8.06 -9.25 24.03
C GLY B 58 6.68 -8.66 24.16
N PRO B 59 6.44 -7.55 23.45
CA PRO B 59 5.15 -6.88 23.54
C PRO B 59 4.13 -7.57 22.63
N GLY B 60 2.86 -7.45 22.98
CA GLY B 60 1.81 -7.87 22.09
C GLY B 60 1.58 -9.36 22.01
N MET B 61 0.91 -9.76 20.95
CA MET B 61 0.42 -11.11 20.77
C MET B 61 0.88 -11.63 19.42
N VAL B 62 0.91 -12.95 19.29
CA VAL B 62 1.33 -13.63 18.07
C VAL B 62 0.17 -14.48 17.58
N MET B 63 -0.11 -14.50 16.28
CA MET B 63 -1.23 -15.34 15.82
C MET B 63 -0.84 -16.80 15.91
N LYS B 64 -1.78 -17.61 16.42
CA LYS B 64 -1.60 -19.04 16.64
C LYS B 64 -1.42 -19.82 15.34
N PRO B 65 -0.44 -20.74 15.31
CA PRO B 65 -0.26 -21.53 14.08
C PRO B 65 -1.41 -22.49 13.80
N THR B 66 -2.06 -23.01 14.84
CA THR B 66 -3.09 -24.04 14.66
C THR B 66 -4.24 -23.57 13.77
N VAL B 67 -4.78 -22.40 14.09
CA VAL B 67 -5.87 -21.82 13.30
C VAL B 67 -5.44 -21.54 11.85
N TRP B 68 -4.28 -20.93 11.67
CA TRP B 68 -3.77 -20.64 10.32
C TRP B 68 -3.55 -21.92 9.53
N GLY B 69 -2.98 -22.92 10.18
CA GLY B 69 -2.71 -24.20 9.54
C GLY B 69 -3.96 -24.84 8.97
N ASP B 70 -5.04 -24.83 9.76
CA ASP B 70 -6.32 -25.38 9.32
C ASP B 70 -6.92 -24.58 8.16
N ALA B 71 -6.89 -23.26 8.27
CA ALA B 71 -7.37 -22.40 7.20
C ALA B 71 -6.62 -22.67 5.89
N LEU B 72 -5.29 -22.69 5.97
CA LEU B 72 -4.47 -22.83 4.77
C LEU B 72 -4.59 -24.25 4.21
N ASP B 73 -4.79 -25.24 5.09
CA ASP B 73 -5.04 -26.62 4.66
C ASP B 73 -6.24 -26.69 3.71
N GLU B 74 -7.27 -25.92 4.02
CA GLU B 74 -8.52 -25.98 3.27
C GLU B 74 -8.49 -25.17 1.97
N ILE B 75 -7.81 -24.03 2.01
CA ILE B 75 -7.80 -23.07 0.92
C ILE B 75 -6.70 -23.33 -0.12
N CYS B 76 -5.53 -23.77 0.34
CA CYS B 76 -4.37 -23.92 -0.53
C CYS B 76 -4.20 -25.29 -1.16
N THR B 77 -3.62 -25.30 -2.37
CA THR B 77 -3.14 -26.51 -2.99
C THR B 77 -1.63 -26.39 -3.23
N SER B 78 -1.02 -27.43 -3.80
CA SER B 78 0.41 -27.39 -4.06
C SER B 78 0.77 -26.34 -5.12
N GLU B 79 -0.22 -25.92 -5.91
CA GLU B 79 0.01 -24.95 -6.98
C GLU B 79 -0.13 -23.51 -6.50
N THR B 80 -0.64 -23.34 -5.29
CA THR B 80 -0.88 -22.02 -4.72
C THR B 80 0.40 -21.23 -4.49
N LEU B 81 0.35 -19.93 -4.77
CA LEU B 81 1.39 -19.03 -4.31
C LEU B 81 0.88 -18.36 -3.06
N LEU B 82 1.45 -18.72 -1.91
CA LEU B 82 1.02 -18.13 -0.64
C LEU B 82 1.78 -16.84 -0.39
N VAL B 83 1.03 -15.74 -0.32
CA VAL B 83 1.57 -14.41 -0.10
C VAL B 83 1.31 -13.94 1.34
N VAL B 84 2.37 -13.58 2.06
CA VAL B 84 2.24 -13.14 3.44
C VAL B 84 2.82 -11.75 3.62
N PRO B 85 1.96 -10.72 3.63
CA PRO B 85 2.51 -9.39 3.90
C PRO B 85 3.11 -9.32 5.30
N THR B 86 4.29 -8.71 5.40
CA THR B 86 4.98 -8.59 6.69
C THR B 86 6.06 -7.52 6.60
N PRO B 87 6.28 -6.77 7.70
CA PRO B 87 7.30 -5.72 7.67
C PRO B 87 8.71 -6.30 7.41
N ALA B 88 8.88 -7.58 7.69
CA ALA B 88 10.18 -8.23 7.53
C ALA B 88 10.27 -9.01 6.23
N GLY B 89 9.41 -8.71 5.25
CA GLY B 89 9.38 -9.50 4.03
C GLY B 89 10.40 -9.03 3.01
N TYR B 90 10.61 -9.82 1.96
CA TYR B 90 11.31 -9.34 0.75
C TYR B 90 10.48 -8.20 0.13
N PRO B 91 11.14 -7.25 -0.55
CA PRO B 91 10.36 -6.14 -1.13
C PRO B 91 9.45 -6.60 -2.26
N PHE B 92 8.19 -6.17 -2.21
CA PHE B 92 7.25 -6.34 -3.30
C PHE B 92 7.48 -5.18 -4.27
N THR B 93 7.88 -5.49 -5.50
CA THR B 93 8.16 -4.45 -6.49
C THR B 93 7.33 -4.65 -7.76
N GLN B 94 7.52 -3.77 -8.74
CA GLN B 94 6.78 -3.91 -10.00
C GLN B 94 7.14 -5.21 -10.68
N GLU B 95 8.41 -5.61 -10.54
CA GLU B 95 8.83 -6.90 -11.08
C GLU B 95 8.04 -8.04 -10.44
N THR B 96 7.82 -7.95 -9.13
CA THR B 96 7.02 -8.98 -8.43
C THR B 96 5.61 -9.00 -8.98
N ALA B 97 5.04 -7.82 -9.20
CA ALA B 97 3.67 -7.72 -9.69
C ALA B 97 3.55 -8.39 -11.05
N TRP B 98 4.51 -8.15 -11.94
CA TRP B 98 4.53 -8.82 -13.23
C TRP B 98 4.62 -10.33 -13.08
N GLN B 99 5.49 -10.77 -12.18
CA GLN B 99 5.67 -12.20 -11.97
C GLN B 99 4.38 -12.85 -11.48
N TRP B 100 3.71 -12.21 -10.52
CA TRP B 100 2.52 -12.83 -9.93
C TRP B 100 1.31 -12.71 -10.83
N SER B 101 1.40 -11.83 -11.83
CA SER B 101 0.26 -11.57 -12.72
C SER B 101 -0.08 -12.80 -13.57
N THR B 102 0.85 -13.75 -13.69
CA THR B 102 0.56 -14.94 -14.47
C THR B 102 0.23 -16.16 -13.60
N GLU B 103 0.06 -15.94 -12.30
CA GLU B 103 -0.27 -17.03 -11.38
C GLU B 103 -1.75 -17.44 -11.48
N ASP B 104 -2.03 -18.74 -11.32
CA ASP B 104 -3.40 -19.24 -11.32
C ASP B 104 -4.10 -19.00 -10.00
N HIS B 105 -3.34 -18.99 -8.91
CA HIS B 105 -3.94 -18.95 -7.57
C HIS B 105 -3.06 -18.25 -6.54
N LEU B 106 -3.50 -17.09 -6.08
CA LEU B 106 -2.83 -16.38 -5.01
C LEU B 106 -3.66 -16.50 -3.75
N VAL B 107 -3.02 -16.87 -2.66
CA VAL B 107 -3.68 -16.80 -1.35
C VAL B 107 -2.92 -15.79 -0.49
N ILE B 108 -3.61 -14.78 0.02
CA ILE B 108 -2.97 -13.74 0.82
C ILE B 108 -3.38 -13.86 2.28
N ALA B 109 -2.41 -14.15 3.12
CA ALA B 109 -2.63 -14.30 4.56
C ALA B 109 -2.35 -12.98 5.26
N CYS B 110 -3.40 -12.38 5.83
CA CYS B 110 -3.28 -11.08 6.49
C CYS B 110 -3.06 -11.26 7.98
N GLY B 111 -1.91 -10.80 8.46
CA GLY B 111 -1.56 -10.94 9.85
C GLY B 111 -1.92 -9.70 10.62
N ARG B 112 -2.14 -9.85 11.92
CA ARG B 112 -2.45 -8.75 12.83
C ARG B 112 -1.62 -8.96 14.09
N TYR B 113 -1.85 -8.13 15.10
CA TYR B 113 -1.06 -8.17 16.34
C TYR B 113 0.44 -8.02 16.00
N GLU B 114 1.30 -8.86 16.56
CA GLU B 114 2.74 -8.71 16.32
C GLU B 114 3.30 -9.67 15.25
N GLY B 115 2.42 -10.36 14.55
CA GLY B 115 2.85 -11.26 13.49
C GLY B 115 2.26 -12.64 13.61
N ILE B 116 2.54 -13.49 12.63
CA ILE B 116 2.05 -14.87 12.60
C ILE B 116 3.18 -15.80 13.01
N ASP B 117 2.88 -16.77 13.88
CA ASP B 117 3.86 -17.80 14.25
C ASP B 117 4.65 -18.27 13.01
N GLN B 118 5.99 -18.24 13.10
CA GLN B 118 6.84 -18.52 11.93
C GLN B 118 6.61 -19.90 11.35
N ARG B 119 6.12 -20.81 12.17
CA ARG B 119 5.97 -22.19 11.68
C ARG B 119 4.86 -22.30 10.64
N VAL B 120 3.97 -21.32 10.57
CA VAL B 120 2.90 -21.37 9.56
C VAL B 120 3.50 -21.30 8.16
N ALA B 121 4.30 -20.26 7.94
CA ALA B 121 5.05 -20.13 6.69
C ALA B 121 5.99 -21.33 6.44
N ASP B 122 6.68 -21.78 7.48
CA ASP B 122 7.62 -22.91 7.34
C ASP B 122 6.89 -24.19 6.88
N ASP B 123 5.79 -24.50 7.55
CA ASP B 123 4.97 -25.66 7.20
C ASP B 123 4.41 -25.56 5.77
N ALA B 124 3.90 -24.39 5.41
CA ALA B 124 3.29 -24.24 4.10
C ALA B 124 4.33 -24.43 3.00
N ALA B 125 5.56 -24.00 3.28
CA ALA B 125 6.63 -24.07 2.29
C ALA B 125 7.06 -25.50 1.97
N THR B 126 6.64 -26.46 2.80
CA THR B 126 6.91 -27.86 2.50
C THR B 126 5.97 -28.39 1.43
N ARG B 127 4.98 -27.61 1.05
CA ARG B 127 3.88 -28.07 0.22
CA ARG B 127 4.04 -28.14 0.08
C ARG B 127 3.57 -27.13 -0.96
N MET B 128 3.96 -25.87 -0.81
CA MET B 128 3.64 -24.87 -1.82
C MET B 128 4.70 -23.76 -1.81
N ARG B 129 4.65 -22.87 -2.80
CA ARG B 129 5.56 -21.71 -2.80
C ARG B 129 5.02 -20.62 -1.88
N VAL B 130 5.90 -20.03 -1.07
CA VAL B 130 5.48 -19.03 -0.09
C VAL B 130 6.33 -17.78 -0.28
N ARG B 131 5.70 -16.61 -0.27
CA ARG B 131 6.42 -15.37 -0.43
C ARG B 131 6.07 -14.40 0.68
N GLU B 132 6.98 -14.14 1.62
CA GLU B 132 6.77 -13.10 2.62
C GLU B 132 7.27 -11.78 2.05
N VAL B 133 6.40 -10.77 2.04
CA VAL B 133 6.73 -9.52 1.34
C VAL B 133 6.33 -8.27 2.11
N SER B 134 7.13 -7.25 1.90
CA SER B 134 6.85 -5.90 2.43
CA SER B 134 6.81 -5.92 2.42
C SER B 134 6.49 -5.00 1.26
N ILE B 135 5.51 -4.12 1.44
CA ILE B 135 5.17 -3.20 0.37
C ILE B 135 5.83 -1.82 0.58
N GLY B 136 6.54 -1.67 1.70
CA GLY B 136 7.25 -0.42 1.96
C GLY B 136 7.66 -0.32 3.42
N ASP B 137 8.54 0.62 3.73
CA ASP B 137 9.05 0.73 5.10
C ASP B 137 8.22 1.71 5.91
N TYR B 138 6.99 1.31 6.17
CA TYR B 138 6.13 2.05 7.09
C TYR B 138 5.38 0.98 7.80
N VAL B 139 4.83 1.33 8.96
CA VAL B 139 4.18 0.35 9.80
C VAL B 139 2.68 0.41 9.68
N LEU B 140 2.09 -0.72 9.33
CA LEU B 140 0.66 -0.90 9.25
C LEU B 140 0.19 -1.63 10.50
N ASN B 141 -1.10 -1.54 10.80
CA ASN B 141 -1.67 -2.35 11.89
C ASN B 141 -1.77 -3.83 11.54
N GLY B 142 -1.91 -4.11 10.26
CA GLY B 142 -2.14 -5.47 9.80
C GLY B 142 -1.90 -5.61 8.32
N GLY B 143 -2.02 -6.82 7.81
CA GLY B 143 -1.71 -7.10 6.41
C GLY B 143 -2.78 -6.70 5.41
N GLU B 144 -3.95 -6.30 5.91
CA GLU B 144 -5.10 -6.02 5.07
C GLU B 144 -4.84 -4.94 4.03
N ALA B 145 -4.29 -3.80 4.45
CA ALA B 145 -4.05 -2.72 3.49
C ALA B 145 -3.01 -3.13 2.44
N ALA B 146 -2.00 -3.89 2.88
CA ALA B 146 -0.99 -4.41 1.95
C ALA B 146 -1.60 -5.36 0.92
N ALA B 147 -2.57 -6.16 1.37
CA ALA B 147 -3.27 -7.06 0.46
C ALA B 147 -3.96 -6.28 -0.64
N LEU B 148 -4.63 -5.19 -0.27
CA LEU B 148 -5.33 -4.38 -1.25
C LEU B 148 -4.38 -3.79 -2.29
N VAL B 149 -3.23 -3.31 -1.80
CA VAL B 149 -2.17 -2.78 -2.68
C VAL B 149 -1.69 -3.86 -3.63
N ILE B 150 -1.33 -5.01 -3.07
CA ILE B 150 -0.84 -6.12 -3.92
C ILE B 150 -1.85 -6.54 -4.97
N ILE B 151 -3.11 -6.67 -4.56
CA ILE B 151 -4.17 -7.06 -5.49
C ILE B 151 -4.29 -6.03 -6.63
N GLU B 152 -4.27 -4.75 -6.30
CA GLU B 152 -4.41 -3.74 -7.33
C GLU B 152 -3.20 -3.76 -8.29
N ALA B 153 -2.00 -3.89 -7.74
CA ALA B 153 -0.78 -3.85 -8.55
C ALA B 153 -0.71 -5.05 -9.50
N VAL B 154 -1.19 -6.19 -9.02
CA VAL B 154 -1.13 -7.42 -9.82
C VAL B 154 -2.26 -7.47 -10.86
N LEU B 155 -3.48 -7.12 -10.47
CA LEU B 155 -4.63 -7.27 -11.36
C LEU B 155 -4.57 -6.38 -12.58
N ARG B 156 -3.97 -5.21 -12.45
CA ARG B 156 -3.90 -4.31 -13.60
C ARG B 156 -2.92 -4.83 -14.66
N LEU B 157 -2.17 -5.89 -14.33
CA LEU B 157 -1.21 -6.48 -15.25
C LEU B 157 -1.74 -7.75 -15.92
N VAL B 158 -2.84 -8.30 -15.40
CA VAL B 158 -3.35 -9.57 -15.90
C VAL B 158 -3.83 -9.41 -17.35
N PRO B 159 -3.46 -10.37 -18.22
CA PRO B 159 -3.90 -10.30 -19.62
C PRO B 159 -5.43 -10.17 -19.70
N GLY B 160 -5.90 -9.14 -20.38
CA GLY B 160 -7.33 -8.91 -20.46
C GLY B 160 -7.77 -7.68 -19.68
N VAL B 161 -7.03 -7.36 -18.62
CA VAL B 161 -7.32 -6.16 -17.84
C VAL B 161 -6.48 -4.99 -18.34
N SER B 179 13.19 2.65 -13.27
CA SER B 179 13.70 3.39 -14.42
C SER B 179 13.74 4.90 -14.19
N LEU B 180 12.68 5.61 -14.58
CA LEU B 180 12.63 7.06 -14.41
C LEU B 180 11.23 7.47 -14.00
N LEU B 181 11.11 8.57 -13.26
CA LEU B 181 9.80 9.04 -12.79
C LEU B 181 9.04 9.69 -13.91
N GLU B 182 7.71 9.55 -13.91
CA GLU B 182 6.89 10.26 -14.87
C GLU B 182 6.92 11.75 -14.54
N GLY B 183 7.03 12.57 -15.57
CA GLY B 183 7.05 14.00 -15.40
C GLY B 183 5.63 14.52 -15.30
N PRO B 184 5.48 15.86 -15.23
CA PRO B 184 4.17 16.50 -15.05
C PRO B 184 3.27 16.34 -16.28
N SER B 185 1.96 16.27 -16.06
CA SER B 185 0.99 16.16 -17.14
CA SER B 185 1.03 16.18 -17.17
C SER B 185 0.04 17.36 -17.10
N TYR B 186 -0.56 17.69 -18.24
CA TYR B 186 -1.44 18.84 -18.33
C TYR B 186 -2.61 18.56 -19.25
N THR B 187 -3.73 19.22 -19.02
CA THR B 187 -4.85 19.14 -19.95
C THR B 187 -5.59 20.47 -20.01
N ARG B 188 -6.73 20.53 -20.67
CA ARG B 188 -7.38 21.82 -20.90
C ARG B 188 -7.92 22.45 -19.62
N PRO B 189 -7.95 23.79 -19.54
CA PRO B 189 -7.56 24.80 -20.54
C PRO B 189 -6.06 25.12 -20.57
N PRO B 190 -5.59 25.76 -21.66
CA PRO B 190 -4.15 26.05 -21.82
C PRO B 190 -3.62 27.07 -20.81
N SER B 191 -4.52 27.90 -20.28
CA SER B 191 -4.14 28.81 -19.21
C SER B 191 -5.15 28.71 -18.10
N TRP B 192 -4.66 28.57 -16.87
CA TRP B 192 -5.54 28.41 -15.73
C TRP B 192 -4.98 29.13 -14.51
N ARG B 193 -5.77 30.02 -13.92
CA ARG B 193 -5.33 30.87 -12.79
C ARG B 193 -4.02 31.57 -13.09
N GLY B 194 -3.83 31.98 -14.34
CA GLY B 194 -2.61 32.64 -14.76
C GLY B 194 -1.41 31.71 -14.88
N MET B 195 -1.65 30.41 -14.81
CA MET B 195 -0.61 29.42 -15.05
C MET B 195 -0.79 28.76 -16.42
N ASP B 196 0.21 28.90 -17.28
CA ASP B 196 0.13 28.36 -18.64
C ASP B 196 0.74 26.96 -18.77
N VAL B 197 0.12 26.11 -19.59
CA VAL B 197 0.72 24.85 -20.00
C VAL B 197 2.01 25.15 -20.77
N PRO B 198 3.09 24.40 -20.48
CA PRO B 198 4.34 24.60 -21.23
C PRO B 198 4.09 24.61 -22.74
N PRO B 199 4.51 25.69 -23.42
CA PRO B 199 4.22 25.93 -24.85
C PRO B 199 4.62 24.75 -25.73
N VAL B 200 5.71 24.08 -25.39
CA VAL B 200 6.19 22.97 -26.19
C VAL B 200 5.11 21.88 -26.31
N LEU B 201 4.28 21.73 -25.29
CA LEU B 201 3.25 20.69 -25.30
C LEU B 201 2.09 21.03 -26.25
N LEU B 202 1.95 22.32 -26.56
CA LEU B 202 0.91 22.79 -27.46
C LEU B 202 1.38 22.82 -28.92
N SER B 203 2.68 22.61 -29.14
CA SER B 203 3.30 22.85 -30.44
C SER B 203 3.10 21.70 -31.43
N GLY B 204 2.71 20.53 -30.93
CA GLY B 204 2.54 19.37 -31.79
C GLY B 204 3.82 18.82 -32.38
N ASP B 205 4.96 19.29 -31.87
CA ASP B 205 6.27 18.79 -32.29
C ASP B 205 6.69 17.59 -31.44
N HIS B 206 6.45 16.38 -31.94
CA HIS B 206 6.63 15.16 -31.16
C HIS B 206 8.06 14.98 -30.65
N ALA B 207 9.04 15.45 -31.42
CA ALA B 207 10.44 15.37 -31.04
C ALA B 207 10.78 16.32 -29.89
N LYS B 208 10.35 17.57 -30.01
CA LYS B 208 10.66 18.55 -28.99
C LYS B 208 9.91 18.21 -27.70
N ILE B 209 8.72 17.64 -27.86
CA ILE B 209 7.89 17.23 -26.71
C ILE B 209 8.51 16.06 -25.98
N ALA B 210 8.92 15.04 -26.74
CA ALA B 210 9.61 13.89 -26.16
C ALA B 210 10.84 14.34 -25.37
N ALA B 211 11.58 15.29 -25.95
CA ALA B 211 12.79 15.79 -25.31
C ALA B 211 12.50 16.56 -24.03
N TRP B 212 11.50 17.44 -24.08
CA TRP B 212 11.13 18.22 -22.91
C TRP B 212 10.69 17.28 -21.80
N ARG B 213 9.90 16.28 -22.19
CA ARG B 213 9.37 15.32 -21.23
C ARG B 213 10.50 14.53 -20.62
N ALA B 214 11.52 14.21 -21.42
CA ALA B 214 12.67 13.49 -20.91
C ALA B 214 13.40 14.34 -19.87
N GLU B 215 13.57 15.62 -20.17
CA GLU B 215 14.28 16.52 -19.27
C GLU B 215 13.51 16.76 -17.98
N GLN B 216 12.19 16.83 -18.07
CA GLN B 216 11.35 16.97 -16.88
C GLN B 216 11.49 15.77 -15.94
N SER B 217 11.42 14.57 -16.50
CA SER B 217 11.55 13.33 -15.75
C SER B 217 12.92 13.20 -15.08
N ARG B 218 13.94 13.68 -15.77
CA ARG B 218 15.30 13.64 -15.24
C ARG B 218 15.40 14.50 -14.00
N GLN B 219 14.87 15.72 -14.11
CA GLN B 219 14.90 16.67 -13.01
C GLN B 219 14.17 16.05 -11.83
N ARG B 220 13.00 15.49 -12.11
CA ARG B 220 12.14 14.93 -11.06
C ARG B 220 12.76 13.70 -10.41
N THR B 221 13.40 12.85 -11.21
CA THR B 221 14.00 11.63 -10.67
C THR B 221 15.20 11.97 -9.80
N ILE B 222 16.06 12.86 -10.28
CA ILE B 222 17.21 13.29 -9.49
C ILE B 222 16.78 13.90 -8.16
N GLU B 223 15.73 14.72 -8.20
CA GLU B 223 15.27 15.41 -7.00
C GLU B 223 14.54 14.48 -6.02
N ARG B 224 13.64 13.64 -6.53
CA ARG B 224 12.77 12.85 -5.65
C ARG B 224 13.24 11.41 -5.44
N ARG B 225 13.89 10.83 -6.43
CA ARG B 225 14.29 9.42 -6.33
C ARG B 225 15.69 9.16 -6.89
N PRO B 226 16.71 9.83 -6.32
CA PRO B 226 18.07 9.70 -6.87
C PRO B 226 18.54 8.24 -6.88
N ASP B 227 18.02 7.44 -5.96
CA ASP B 227 18.31 6.00 -5.93
C ASP B 227 18.03 5.29 -7.26
N LEU B 228 16.99 5.71 -7.99
CA LEU B 228 16.66 5.06 -9.27
C LEU B 228 17.77 5.21 -10.31
N LEU B 229 18.55 6.26 -10.17
CA LEU B 229 19.63 6.53 -11.12
C LEU B 229 21.00 6.18 -10.55
N GLY B 230 21.00 5.47 -9.42
CA GLY B 230 22.23 5.00 -8.83
C GLY B 230 22.98 6.04 -8.03
N PHE B 231 22.25 6.96 -7.40
CA PHE B 231 22.85 7.94 -6.50
C PHE B 231 22.39 7.76 -5.05
N ASP B 232 23.12 8.39 -4.12
CA ASP B 232 22.84 8.27 -2.68
C ASP B 232 21.51 8.85 -2.25
N SER B 233 21.12 8.52 -1.02
CA SER B 233 19.86 8.92 -0.40
C SER B 233 18.67 8.55 -1.27
C10 J9Q C . -1.45 7.21 -7.65
N12 J9Q C . 1.04 4.13 -9.06
O01 J9Q C . 2.13 4.05 -6.66
C02 J9Q C . 2.99 3.91 -5.60
N03 J9Q C . 2.77 4.92 -4.75
C04 J9Q C . 1.78 5.70 -5.24
C05 J9Q C . 1.38 5.16 -6.45
C06 J9Q C . 0.37 5.67 -7.28
C07 J9Q C . 0.20 5.17 -8.57
C08 J9Q C . -0.79 5.69 -9.39
C09 J9Q C . -1.62 6.71 -8.93
C11 J9Q C . -0.46 6.69 -6.83
C10 J9Q D . 1.40 -6.81 7.89
N12 J9Q D . 3.59 -3.35 8.90
O01 J9Q D . 3.93 -3.02 6.18
C02 J9Q D . 4.61 -2.78 5.03
N03 J9Q D . 4.68 -3.92 4.33
C04 J9Q D . 4.06 -4.90 5.04
C05 J9Q D . 3.58 -4.34 6.22
C06 J9Q D . 2.86 -5.00 7.22
C07 J9Q D . 2.85 -4.52 8.54
C08 J9Q D . 2.12 -5.19 9.51
C09 J9Q D . 1.40 -6.33 9.19
C11 J9Q D . 2.13 -6.15 6.91
#